data_3KJN
#
_entry.id   3KJN
#
_cell.length_a   62.598
_cell.length_b   62.598
_cell.length_c   129.389
_cell.angle_alpha   90.00
_cell.angle_beta   90.00
_cell.angle_gamma   120.00
#
_symmetry.space_group_name_H-M   'P 31 2 1'
#
loop_
_entity.id
_entity.type
_entity.pdbx_description
1 polymer Caspase-8
2 polymer Caspase-8
3 non-polymer 2,3-DIHYDROXY-1,4-DITHIOBUTANE
4 non-polymer '(3S)-3-({[(5S)-2-{2-[(1H-benzimidazol-5-ylcarbonyl)amino]ethyl}-7-(cyclohexylmethyl)-1,3-dioxo-2,3,5,8-tetrahydro-1H-[1,2,4]triazolo[1,2-a]pyridazin-5-yl]carbonyl}amino)-4-oxopentanoic acid'
5 water water
#
loop_
_entity_poly.entity_id
_entity_poly.type
_entity_poly.pdbx_seq_one_letter_code
_entity_poly.pdbx_strand_id
1 'polypeptide(L)'
;SPREQDSESQTLDKVYQMKSKPRGYCLIINNHNFAKAREKVPKLHSIRDRNGTHLDAGALTTTFEELHFEIKPHDDCTVE
QIYEILKIYQLMDHSNMDCFICCILSHGDKGIIYGTDGQEAPIYELTSQFTGLKCPSLAGKPKVFFIQACQGDNYQKGIP
VETD
;
A
2 'polypeptide(L)'
;LSSPQTRYIPDEADFLLGMATVNNCVSYRNPAEGTWYIQSLCQSLRERCPRGDDILTILTEVNYEVSNKDDKKNMGKQMP
QPTFTLRKKLVFPSD
;
B
#
# COMPACT_ATOMS: atom_id res chain seq x y z
N ASP A 13 6.00 23.77 -11.83
CA ASP A 13 6.27 22.55 -11.02
C ASP A 13 6.31 21.32 -11.91
N LYS A 14 7.33 20.49 -11.72
CA LYS A 14 7.48 19.28 -12.51
C LYS A 14 6.48 18.22 -12.04
N VAL A 15 5.93 17.50 -13.00
CA VAL A 15 4.92 16.48 -12.76
C VAL A 15 5.33 15.21 -13.51
N TYR A 16 5.22 14.05 -12.87
CA TYR A 16 5.51 12.80 -13.56
C TYR A 16 4.57 12.64 -14.74
N GLN A 17 5.10 12.21 -15.88
CA GLN A 17 4.26 11.85 -17.02
C GLN A 17 3.26 10.76 -16.58
N MET A 18 1.99 10.95 -16.91
CA MET A 18 0.94 10.02 -16.52
C MET A 18 -0.15 10.06 -17.58
N LYS A 19 0.20 9.51 -18.74
CA LYS A 19 -0.64 9.56 -19.94
C LYS A 19 -0.88 8.19 -20.58
N SER A 20 -0.06 7.19 -20.26
CA SER A 20 -0.18 5.89 -20.89
C SER A 20 -1.49 5.19 -20.51
N LYS A 21 -2.00 4.37 -21.42
CA LYS A 21 -3.24 3.64 -21.21
C LYS A 21 -3.00 2.17 -21.58
N PRO A 22 -2.87 1.28 -20.57
CA PRO A 22 -2.98 1.53 -19.13
C PRO A 22 -1.80 2.33 -18.58
N ARG A 23 -2.01 2.90 -17.39
CA ARG A 23 -0.98 3.67 -16.70
C ARG A 23 0.17 2.78 -16.26
N GLY A 24 -0.19 1.54 -15.93
CA GLY A 24 0.73 0.58 -15.35
C GLY A 24 -0.04 -0.53 -14.66
N TYR A 25 0.72 -1.44 -14.04
CA TYR A 25 0.12 -2.52 -13.27
C TYR A 25 -0.15 -2.03 -11.86
N CYS A 26 -1.27 -2.48 -11.30
CA CYS A 26 -1.55 -2.29 -9.88
C CYS A 26 -1.69 -3.67 -9.24
N LEU A 27 -0.63 -4.16 -8.59
CA LEU A 27 -0.66 -5.45 -7.91
C LEU A 27 -1.41 -5.32 -6.60
N ILE A 28 -2.22 -6.32 -6.28
CA ILE A 28 -2.88 -6.38 -4.98
C ILE A 28 -2.60 -7.76 -4.36
N ILE A 29 -1.86 -7.76 -3.26
CA ILE A 29 -1.62 -8.98 -2.49
CA ILE A 29 -1.62 -8.98 -2.49
C ILE A 29 -2.60 -8.96 -1.32
N ASN A 30 -3.58 -9.86 -1.37
CA ASN A 30 -4.71 -9.84 -0.44
C ASN A 30 -4.71 -11.09 0.45
N ASN A 31 -4.15 -10.96 1.65
CA ASN A 31 -4.02 -12.12 2.54
C ASN A 31 -5.13 -12.21 3.56
N HIS A 32 -5.90 -13.29 3.48
CA HIS A 32 -7.00 -13.52 4.39
C HIS A 32 -6.76 -14.69 5.36
N ASN A 33 -6.41 -15.85 4.79
CA ASN A 33 -6.36 -17.12 5.52
C ASN A 33 -4.99 -17.36 6.15
N PHE A 34 -4.93 -17.29 7.48
CA PHE A 34 -3.66 -17.46 8.21
C PHE A 34 -3.62 -18.78 8.99
N ALA A 35 -4.35 -19.78 8.49
CA ALA A 35 -4.32 -21.12 9.07
C ALA A 35 -2.89 -21.65 9.15
N LYS A 36 -2.13 -21.51 8.06
CA LYS A 36 -0.75 -22.04 8.04
C LYS A 36 0.11 -21.44 9.16
N ALA A 37 0.04 -20.12 9.31
CA ALA A 37 0.74 -19.41 10.38
C ALA A 37 0.36 -19.94 11.76
N ARG A 38 -0.94 -20.10 11.99
CA ARG A 38 -1.43 -20.61 13.27
C ARG A 38 -0.90 -22.01 13.59
N GLU A 39 -0.75 -22.85 12.57
CA GLU A 39 -0.30 -24.22 12.78
C GLU A 39 1.24 -24.29 12.89
N LYS A 40 1.95 -23.43 12.14
CA LYS A 40 3.40 -23.54 11.94
C LYS A 40 4.26 -22.68 12.87
N VAL A 41 3.84 -21.45 13.14
CA VAL A 41 4.64 -20.50 13.94
C VAL A 41 4.10 -20.39 15.37
N PRO A 42 4.83 -20.93 16.37
CA PRO A 42 4.37 -20.94 17.76
C PRO A 42 3.79 -19.61 18.27
N LYS A 43 4.49 -18.51 18.01
CA LYS A 43 4.06 -17.21 18.53
C LYS A 43 2.82 -16.65 17.83
N LEU A 44 2.47 -17.21 16.68
CA LEU A 44 1.29 -16.78 15.92
C LEU A 44 0.13 -17.77 16.06
N HIS A 45 0.15 -18.54 17.15
CA HIS A 45 -0.90 -19.52 17.44
C HIS A 45 -2.32 -18.96 17.34
N SER A 46 -2.48 -17.67 17.64
CA SER A 46 -3.80 -17.03 17.64
C SER A 46 -3.92 -15.87 16.65
N ILE A 47 -3.05 -15.83 15.65
CA ILE A 47 -3.16 -14.82 14.59
C ILE A 47 -4.48 -15.10 13.86
N ARG A 48 -5.25 -14.06 13.57
CA ARG A 48 -6.61 -14.23 13.06
C ARG A 48 -6.72 -14.12 11.54
N ASP A 49 -7.71 -14.80 10.97
CA ASP A 49 -8.06 -14.59 9.56
C ASP A 49 -8.55 -13.17 9.37
N ARG A 50 -8.17 -12.54 8.26
CA ARG A 50 -8.40 -11.10 8.05
C ARG A 50 -9.74 -10.84 7.37
N ASN A 51 -10.81 -11.19 8.09
CA ASN A 51 -12.17 -11.10 7.57
C ASN A 51 -12.46 -9.70 7.07
N GLY A 52 -13.01 -9.62 5.86
CA GLY A 52 -13.39 -8.36 5.24
C GLY A 52 -12.32 -7.74 4.37
N THR A 53 -11.13 -8.35 4.34
CA THR A 53 -10.06 -7.84 3.50
C THR A 53 -10.44 -7.74 2.01
N HIS A 54 -11.33 -8.61 1.54
CA HIS A 54 -11.79 -8.56 0.15
C HIS A 54 -12.46 -7.21 -0.18
N LEU A 55 -13.03 -6.54 0.83
CA LEU A 55 -13.65 -5.23 0.62
C LEU A 55 -12.61 -4.16 0.26
N ASP A 56 -11.41 -4.28 0.84
CA ASP A 56 -10.28 -3.43 0.46
C ASP A 56 -9.79 -3.77 -0.94
N ALA A 57 -9.65 -5.06 -1.23
CA ALA A 57 -9.20 -5.50 -2.56
C ALA A 57 -10.14 -4.96 -3.64
N GLY A 58 -11.44 -5.08 -3.42
CA GLY A 58 -12.45 -4.57 -4.33
C GLY A 58 -12.40 -3.05 -4.48
N ALA A 59 -12.31 -2.34 -3.37
CA ALA A 59 -12.20 -0.87 -3.38
C ALA A 59 -10.98 -0.41 -4.17
N LEU A 60 -9.83 -1.06 -3.93
CA LEU A 60 -8.61 -0.74 -4.67
C LEU A 60 -8.77 -1.04 -6.16
N THR A 61 -9.46 -2.13 -6.48
CA THR A 61 -9.69 -2.52 -7.88
C THR A 61 -10.54 -1.48 -8.59
N THR A 62 -11.69 -1.15 -8.00
CA THR A 62 -12.59 -0.11 -8.52
C THR A 62 -11.85 1.21 -8.74
N THR A 63 -11.13 1.63 -7.70
CA THR A 63 -10.47 2.93 -7.68
C THR A 63 -9.38 3.02 -8.74
N PHE A 64 -8.50 2.02 -8.79
CA PHE A 64 -7.37 2.09 -9.72
C PHE A 64 -7.72 1.74 -11.16
N GLU A 65 -8.77 0.94 -11.37
CA GLU A 65 -9.29 0.73 -12.74
C GLU A 65 -9.84 2.02 -13.32
N GLU A 66 -10.58 2.75 -12.48
CA GLU A 66 -11.09 4.08 -12.81
C GLU A 66 -9.96 5.04 -13.21
N LEU A 67 -8.81 4.88 -12.56
CA LEU A 67 -7.61 5.67 -12.84
C LEU A 67 -6.69 5.05 -13.90
N HIS A 68 -7.20 4.03 -14.60
CA HIS A 68 -6.59 3.48 -15.82
C HIS A 68 -5.39 2.53 -15.58
N PHE A 69 -5.37 1.90 -14.41
CA PHE A 69 -4.37 0.88 -14.10
C PHE A 69 -4.92 -0.51 -14.42
N GLU A 70 -4.02 -1.42 -14.78
CA GLU A 70 -4.36 -2.82 -15.00
C GLU A 70 -4.16 -3.57 -13.68
N ILE A 71 -5.25 -4.08 -13.12
CA ILE A 71 -5.22 -4.67 -11.79
C ILE A 71 -4.79 -6.14 -11.85
N LYS A 72 -3.88 -6.52 -10.97
CA LYS A 72 -3.35 -7.88 -10.88
C LYS A 72 -3.50 -8.40 -9.45
N PRO A 73 -4.66 -9.02 -9.15
CA PRO A 73 -4.91 -9.52 -7.80
C PRO A 73 -4.29 -10.88 -7.51
N HIS A 74 -3.81 -11.06 -6.28
CA HIS A 74 -3.30 -12.33 -5.78
C HIS A 74 -3.79 -12.52 -4.35
N ASP A 75 -4.57 -13.59 -4.12
CA ASP A 75 -5.12 -13.87 -2.79
C ASP A 75 -4.29 -14.91 -2.04
N ASP A 76 -4.11 -14.69 -0.74
CA ASP A 76 -3.55 -15.70 0.18
C ASP A 76 -2.17 -16.20 -0.24
N CYS A 77 -1.20 -15.30 -0.08
CA CYS A 77 0.17 -15.56 -0.47
C CYS A 77 1.06 -15.76 0.75
N THR A 78 1.89 -16.79 0.68
CA THR A 78 2.99 -16.99 1.61
C THR A 78 4.10 -16.00 1.26
N VAL A 79 5.13 -15.90 2.09
CA VAL A 79 6.22 -14.98 1.81
C VAL A 79 6.94 -15.37 0.50
N GLU A 80 7.22 -16.67 0.34
CA GLU A 80 7.87 -17.16 -0.88
C GLU A 80 7.04 -16.81 -2.13
N GLN A 81 5.72 -16.94 -2.02
CA GLN A 81 4.81 -16.62 -3.12
C GLN A 81 4.80 -15.13 -3.44
N ILE A 82 4.82 -14.29 -2.40
CA ILE A 82 4.94 -12.85 -2.59
C ILE A 82 6.21 -12.48 -3.36
N TYR A 83 7.35 -13.03 -2.93
CA TYR A 83 8.63 -12.76 -3.60
C TYR A 83 8.62 -13.24 -5.06
N GLU A 84 8.00 -14.39 -5.33
CA GLU A 84 7.84 -14.90 -6.70
C GLU A 84 7.04 -13.93 -7.56
N ILE A 85 5.95 -13.41 -7.01
CA ILE A 85 5.09 -12.47 -7.72
C ILE A 85 5.85 -11.19 -8.04
N LEU A 86 6.58 -10.66 -7.06
CA LEU A 86 7.34 -9.41 -7.28
C LEU A 86 8.47 -9.61 -8.29
N LYS A 87 9.09 -10.78 -8.27
CA LYS A 87 10.14 -11.11 -9.22
C LYS A 87 9.59 -11.14 -10.65
N ILE A 88 8.41 -11.70 -10.82
CA ILE A 88 7.73 -11.68 -12.12
C ILE A 88 7.56 -10.23 -12.63
N TYR A 89 7.09 -9.33 -11.77
CA TYR A 89 6.88 -7.95 -12.18
C TYR A 89 8.18 -7.16 -12.32
N GLN A 90 9.17 -7.49 -11.49
CA GLN A 90 10.50 -6.91 -11.63
C GLN A 90 11.13 -7.19 -13.01
N LEU A 91 10.89 -8.40 -13.54
CA LEU A 91 11.47 -8.83 -14.82
C LEU A 91 10.61 -8.48 -16.03
N MET A 92 9.41 -7.97 -15.77
CA MET A 92 8.48 -7.59 -16.83
CA MET A 92 8.50 -7.61 -16.86
C MET A 92 8.90 -6.27 -17.49
N ASP A 93 8.46 -6.06 -18.72
CA ASP A 93 8.77 -4.86 -19.46
C ASP A 93 7.71 -3.78 -19.18
N HIS A 94 8.10 -2.76 -18.43
CA HIS A 94 7.21 -1.63 -18.08
C HIS A 94 7.47 -0.42 -18.99
N SER A 95 8.15 -0.62 -20.12
CA SER A 95 8.57 0.49 -20.97
CA SER A 95 8.56 0.47 -21.01
C SER A 95 7.39 1.33 -21.47
N ASN A 96 6.24 0.70 -21.71
CA ASN A 96 5.05 1.41 -22.18
C ASN A 96 4.14 1.88 -21.04
N MET A 97 4.58 1.68 -19.81
CA MET A 97 3.88 2.13 -18.61
C MET A 97 4.52 3.41 -18.05
N ASP A 98 3.70 4.21 -17.37
CA ASP A 98 4.16 5.43 -16.71
C ASP A 98 4.27 5.30 -15.18
N CYS A 99 3.77 4.19 -14.62
CA CYS A 99 3.70 4.04 -13.17
C CYS A 99 3.61 2.55 -12.78
N PHE A 100 3.95 2.25 -11.53
CA PHE A 100 3.76 0.90 -10.96
C PHE A 100 3.23 1.05 -9.55
N ILE A 101 2.17 0.31 -9.24
CA ILE A 101 1.57 0.31 -7.90
C ILE A 101 1.53 -1.12 -7.35
N CYS A 102 1.89 -1.25 -6.08
CA CYS A 102 1.79 -2.53 -5.37
C CYS A 102 1.11 -2.31 -4.02
N CYS A 103 -0.03 -2.98 -3.84
CA CYS A 103 -0.81 -2.91 -2.62
C CYS A 103 -0.68 -4.21 -1.85
N ILE A 104 -0.32 -4.12 -0.57
CA ILE A 104 -0.20 -5.30 0.29
C ILE A 104 -1.19 -5.20 1.45
N LEU A 105 -2.06 -6.20 1.55
CA LEU A 105 -3.08 -6.29 2.59
C LEU A 105 -2.78 -7.54 3.42
N SER A 106 -2.27 -7.35 4.63
CA SER A 106 -1.87 -8.48 5.46
C SER A 106 -1.71 -8.10 6.93
N HIS A 107 -1.38 -9.09 7.74
CA HIS A 107 -0.86 -8.82 9.07
C HIS A 107 0.59 -8.35 8.95
N GLY A 108 1.07 -7.70 10.00
CA GLY A 108 2.46 -7.29 10.07
C GLY A 108 2.94 -7.01 11.48
N ASP A 109 4.19 -6.58 11.57
CA ASP A 109 4.83 -6.17 12.81
C ASP A 109 5.92 -5.17 12.39
N LYS A 110 6.75 -4.75 13.34
CA LYS A 110 7.70 -3.67 13.08
C LYS A 110 8.54 -3.93 11.83
N GLY A 111 8.33 -3.12 10.80
CA GLY A 111 9.13 -3.16 9.57
C GLY A 111 8.86 -4.31 8.62
N ILE A 112 7.86 -5.14 8.92
CA ILE A 112 7.60 -6.36 8.14
C ILE A 112 6.10 -6.55 7.86
N ILE A 113 5.81 -7.40 6.87
CA ILE A 113 4.47 -7.95 6.68
C ILE A 113 4.57 -9.48 6.76
N TYR A 114 3.48 -10.11 7.14
CA TYR A 114 3.43 -11.56 7.27
C TYR A 114 2.87 -12.19 6.00
N GLY A 115 3.50 -13.27 5.55
CA GLY A 115 2.86 -14.19 4.61
C GLY A 115 1.75 -14.92 5.35
N THR A 116 0.86 -15.57 4.60
CA THR A 116 -0.18 -16.41 5.20
C THR A 116 0.42 -17.56 6.02
N ASP A 117 1.67 -17.93 5.71
CA ASP A 117 2.40 -18.97 6.43
C ASP A 117 3.07 -18.51 7.73
N GLY A 118 2.98 -17.21 8.03
CA GLY A 118 3.55 -16.64 9.25
C GLY A 118 5.02 -16.30 9.13
N GLN A 119 5.59 -16.45 7.94
CA GLN A 119 6.94 -15.99 7.68
C GLN A 119 6.91 -14.48 7.50
N GLU A 120 8.07 -13.86 7.69
CA GLU A 120 8.19 -12.41 7.67
C GLU A 120 8.86 -11.93 6.40
N ALA A 121 8.31 -10.88 5.80
CA ALA A 121 8.91 -10.20 4.66
C ALA A 121 9.17 -8.75 5.05
N PRO A 122 10.46 -8.38 5.22
CA PRO A 122 10.79 -6.97 5.46
C PRO A 122 10.29 -6.09 4.32
N ILE A 123 9.64 -4.99 4.66
CA ILE A 123 9.03 -4.11 3.66
C ILE A 123 10.10 -3.64 2.65
N TYR A 124 11.31 -3.35 3.11
CA TYR A 124 12.39 -2.96 2.22
C TYR A 124 12.74 -4.04 1.20
N GLU A 125 12.58 -5.31 1.58
CA GLU A 125 12.86 -6.41 0.67
C GLU A 125 11.81 -6.51 -0.44
N LEU A 126 10.65 -5.92 -0.22
CA LEU A 126 9.60 -5.87 -1.24
C LEU A 126 9.83 -4.68 -2.17
N THR A 127 9.95 -3.48 -1.59
CA THR A 127 10.11 -2.26 -2.39
C THR A 127 11.41 -2.24 -3.20
N SER A 128 12.49 -2.76 -2.61
CA SER A 128 13.82 -2.68 -3.25
C SER A 128 13.97 -3.58 -4.48
N GLN A 129 12.97 -4.40 -4.77
CA GLN A 129 12.95 -5.17 -6.01
C GLN A 129 12.66 -4.30 -7.24
N PHE A 130 12.22 -3.06 -7.01
CA PHE A 130 11.82 -2.18 -8.11
C PHE A 130 12.68 -0.92 -8.21
N THR A 131 13.88 -0.97 -7.64
CA THR A 131 14.84 0.13 -7.81
C THR A 131 15.17 0.24 -9.30
N GLY A 132 15.78 1.37 -9.66
CA GLY A 132 16.17 1.64 -11.04
C GLY A 132 17.06 0.57 -11.64
N LEU A 133 18.00 0.06 -10.85
CA LEU A 133 18.91 -0.96 -11.32
C LEU A 133 18.23 -2.32 -11.53
N LYS A 134 17.27 -2.65 -10.67
CA LYS A 134 16.63 -3.96 -10.71
C LYS A 134 15.44 -4.00 -11.66
N CYS A 135 14.84 -2.83 -11.91
CA CYS A 135 13.76 -2.71 -12.88
C CYS A 135 13.96 -1.46 -13.73
N PRO A 136 14.93 -1.51 -14.68
CA PRO A 136 15.27 -0.34 -15.48
C PRO A 136 14.12 0.27 -16.28
N SER A 137 13.15 -0.53 -16.69
CA SER A 137 12.01 -0.01 -17.46
C SER A 137 11.04 0.82 -16.60
N LEU A 138 11.26 0.83 -15.29
CA LEU A 138 10.58 1.78 -14.39
C LEU A 138 11.51 2.93 -13.95
N ALA A 139 12.74 2.99 -14.46
CA ALA A 139 13.66 4.07 -14.11
C ALA A 139 13.04 5.43 -14.46
N GLY A 140 13.04 6.32 -13.46
CA GLY A 140 12.49 7.67 -13.61
C GLY A 140 10.98 7.75 -13.43
N LYS A 141 10.35 6.61 -13.17
CA LYS A 141 8.88 6.52 -13.07
C LYS A 141 8.46 6.24 -11.63
N PRO A 142 7.28 6.76 -11.23
CA PRO A 142 6.81 6.57 -9.86
C PRO A 142 6.51 5.11 -9.55
N LYS A 143 6.99 4.66 -8.40
CA LYS A 143 6.71 3.32 -7.89
C LYS A 143 6.04 3.52 -6.55
N VAL A 144 4.77 3.10 -6.46
CA VAL A 144 3.93 3.38 -5.30
C VAL A 144 3.53 2.10 -4.56
N PHE A 145 3.84 2.04 -3.27
CA PHE A 145 3.49 0.89 -2.43
C PHE A 145 2.55 1.33 -1.33
N PHE A 146 1.41 0.64 -1.21
CA PHE A 146 0.47 0.89 -0.12
C PHE A 146 0.47 -0.35 0.76
N ILE A 147 0.81 -0.17 2.03
CA ILE A 147 0.93 -1.29 2.97
C ILE A 147 -0.10 -1.15 4.07
N GLN A 148 -1.10 -2.02 4.03
CA GLN A 148 -2.11 -2.12 5.07
C GLN A 148 -1.78 -3.34 5.93
N ALA A 149 -1.22 -3.05 7.11
CA ALA A 149 -0.82 -4.04 8.09
C ALA A 149 -0.53 -3.30 9.40
N CYS A 150 -0.56 -4.02 10.52
CA CYS A 150 0.01 -3.49 11.77
C CYS A 150 1.54 -3.38 11.60
N GLN A 151 2.14 -2.52 12.39
CA GLN A 151 3.60 -2.44 12.47
C GLN A 151 4.06 -2.61 13.93
N GLY A 152 3.29 -3.39 14.68
CA GLY A 152 3.53 -3.60 16.10
C GLY A 152 2.22 -3.83 16.81
N ASP A 153 2.29 -4.07 18.12
CA ASP A 153 1.10 -4.43 18.89
C ASP A 153 0.58 -3.32 19.82
N ASN A 154 1.16 -2.13 19.72
CA ASN A 154 0.76 -1.01 20.58
C ASN A 154 -0.45 -0.26 20.02
N TYR A 155 -1.38 0.09 20.91
CA TYR A 155 -2.51 0.92 20.57
C TYR A 155 -2.04 2.37 20.67
N GLN A 156 -1.96 3.06 19.53
CA GLN A 156 -1.61 4.48 19.52
C GLN A 156 -2.59 5.27 20.39
N LYS A 157 -2.07 6.06 21.31
CA LYS A 157 -2.89 6.85 22.23
C LYS A 157 -3.42 8.11 21.53
N GLY A 158 -4.53 8.63 22.04
CA GLY A 158 -5.10 9.87 21.53
C GLY A 158 -4.73 11.07 22.37
N ILE A 159 -4.79 12.25 21.78
CA ILE A 159 -4.55 13.52 22.47
C ILE A 159 -5.69 14.48 22.15
N PRO A 160 -6.15 15.26 23.15
CA PRO A 160 -7.24 16.22 22.93
C PRO A 160 -6.79 17.48 22.20
N VAL A 161 -7.56 17.89 21.19
CA VAL A 161 -7.29 19.13 20.45
C VAL A 161 -8.58 19.92 20.23
N GLU A 162 -8.45 21.19 19.87
CA GLU A 162 -9.61 22.00 19.49
C GLU A 162 -10.16 21.51 18.15
N THR A 163 -11.48 21.49 18.05
CA THR A 163 -12.19 21.08 16.83
C THR A 163 -11.98 22.12 15.73
N ASP A 164 -11.68 21.64 14.53
CA ASP A 164 -11.61 22.52 13.34
C ASP A 164 -13.00 23.06 13.03
N THR B 6 24.27 11.27 -20.79
CA THR B 6 22.92 11.14 -20.24
C THR B 6 22.91 11.59 -18.79
N ARG B 7 21.74 11.72 -18.20
CA ARG B 7 21.62 12.14 -16.79
C ARG B 7 21.43 10.93 -15.87
N TYR B 8 21.96 11.03 -14.65
CA TYR B 8 21.79 9.98 -13.64
C TYR B 8 21.06 10.51 -12.39
N ILE B 9 20.20 9.67 -11.85
CA ILE B 9 19.47 9.96 -10.61
C ILE B 9 19.67 8.75 -9.69
N PRO B 10 19.36 8.91 -8.39
CA PRO B 10 19.55 7.80 -7.46
C PRO B 10 18.73 6.55 -7.78
N ASP B 11 19.35 5.41 -7.48
CA ASP B 11 18.73 4.08 -7.62
C ASP B 11 17.37 4.00 -6.94
N GLU B 12 17.24 4.64 -5.78
CA GLU B 12 16.02 4.56 -4.97
C GLU B 12 15.08 5.78 -5.10
N ALA B 13 15.25 6.54 -6.18
CA ALA B 13 14.39 7.69 -6.48
C ALA B 13 12.99 7.25 -6.90
N ASP B 14 12.04 8.16 -6.77
CA ASP B 14 10.70 8.00 -7.34
C ASP B 14 9.84 6.94 -6.67
N PHE B 15 10.10 6.69 -5.39
CA PHE B 15 9.24 5.83 -4.58
C PHE B 15 8.27 6.64 -3.72
N LEU B 16 7.08 6.08 -3.54
CA LEU B 16 6.13 6.54 -2.55
C LEU B 16 5.68 5.29 -1.77
N LEU B 17 5.86 5.36 -0.45
CA LEU B 17 5.43 4.30 0.46
C LEU B 17 4.33 4.85 1.36
N GLY B 18 3.13 4.32 1.20
CA GLY B 18 1.99 4.72 2.02
C GLY B 18 1.77 3.67 3.09
N MET B 19 2.12 3.99 4.33
CA MET B 19 1.94 3.06 5.44
C MET B 19 0.63 3.37 6.14
N ALA B 20 -0.11 2.32 6.47
CA ALA B 20 -1.36 2.45 7.25
C ALA B 20 -1.11 2.97 8.66
N THR B 21 0.09 2.73 9.19
CA THR B 21 0.41 3.17 10.54
C THR B 21 1.89 3.48 10.71
N VAL B 22 2.19 4.38 11.65
CA VAL B 22 3.55 4.55 12.14
C VAL B 22 4.07 3.25 12.75
N ASN B 23 5.39 3.19 12.93
CA ASN B 23 6.03 2.02 13.50
C ASN B 23 5.57 1.74 14.92
N ASN B 24 5.58 0.46 15.29
CA ASN B 24 5.28 -0.01 16.63
C ASN B 24 3.79 -0.15 16.94
N CYS B 25 2.92 0.28 16.03
CA CYS B 25 1.49 0.40 16.34
C CYS B 25 0.58 -0.36 15.40
N VAL B 26 -0.65 -0.58 15.88
CA VAL B 26 -1.66 -1.33 15.17
C VAL B 26 -2.39 -0.47 14.13
N SER B 27 -2.91 -1.12 13.09
CA SER B 27 -3.90 -0.51 12.21
C SER B 27 -5.15 -1.37 12.24
N TYR B 28 -6.26 -0.78 11.82
CA TYR B 28 -7.58 -1.37 12.03
C TYR B 28 -8.30 -1.83 10.77
N ARG B 29 -9.04 -2.93 10.91
CA ARG B 29 -9.86 -3.48 9.84
C ARG B 29 -11.28 -3.68 10.38
N ASN B 30 -12.23 -2.94 9.83
CA ASN B 30 -13.65 -3.18 10.10
C ASN B 30 -14.08 -4.35 9.19
N PRO B 31 -14.37 -5.53 9.78
CA PRO B 31 -14.74 -6.68 8.94
C PRO B 31 -15.93 -6.44 8.01
N ALA B 32 -16.81 -5.50 8.35
CA ALA B 32 -17.99 -5.19 7.54
C ALA B 32 -17.81 -4.02 6.56
N GLU B 33 -16.68 -3.33 6.62
CA GLU B 33 -16.43 -2.17 5.74
C GLU B 33 -15.08 -2.18 5.02
N GLY B 34 -14.07 -2.85 5.60
CA GLY B 34 -12.69 -2.74 5.12
C GLY B 34 -11.82 -1.98 6.12
N THR B 35 -10.57 -1.72 5.76
CA THR B 35 -9.65 -1.06 6.69
C THR B 35 -9.84 0.45 6.70
N TRP B 36 -9.59 1.07 7.85
CA TRP B 36 -9.64 2.53 7.96
C TRP B 36 -8.76 3.16 6.88
N TYR B 37 -7.54 2.66 6.73
CA TYR B 37 -6.59 3.26 5.80
C TYR B 37 -6.98 3.10 4.33
N ILE B 38 -7.16 1.87 3.87
CA ILE B 38 -7.50 1.62 2.46
C ILE B 38 -8.84 2.23 2.05
N GLN B 39 -9.85 2.14 2.89
CA GLN B 39 -11.16 2.73 2.57
C GLN B 39 -11.06 4.26 2.46
N SER B 40 -10.33 4.88 3.39
CA SER B 40 -10.11 6.33 3.34
CA SER B 40 -10.11 6.33 3.35
C SER B 40 -9.31 6.72 2.09
N LEU B 41 -8.24 5.99 1.82
CA LEU B 41 -7.41 6.19 0.64
C LEU B 41 -8.24 6.18 -0.65
N CYS B 42 -9.05 5.13 -0.81
CA CYS B 42 -9.85 4.99 -2.01
C CYS B 42 -10.89 6.11 -2.16
N GLN B 43 -11.57 6.44 -1.06
CA GLN B 43 -12.52 7.55 -1.08
C GLN B 43 -11.82 8.85 -1.52
N SER B 44 -10.66 9.15 -0.95
CA SER B 44 -9.95 10.40 -1.26
C SER B 44 -9.44 10.40 -2.71
N LEU B 45 -8.96 9.26 -3.19
CA LEU B 45 -8.51 9.15 -4.58
C LEU B 45 -9.67 9.41 -5.54
N ARG B 46 -10.81 8.77 -5.28
CA ARG B 46 -11.95 8.89 -6.20
C ARG B 46 -12.51 10.32 -6.24
N GLU B 47 -12.52 11.00 -5.10
CA GLU B 47 -13.00 12.37 -5.02
C GLU B 47 -12.01 13.40 -5.59
N ARG B 48 -10.72 13.22 -5.31
CA ARG B 48 -9.72 14.26 -5.60
C ARG B 48 -8.93 14.10 -6.88
N CYS B 49 -8.75 12.88 -7.36
CA CYS B 49 -8.01 12.68 -8.62
C CYS B 49 -8.66 13.42 -9.81
N PRO B 50 -10.00 13.37 -9.94
CA PRO B 50 -10.69 14.16 -10.98
C PRO B 50 -10.45 15.68 -10.90
N ARG B 51 -10.10 16.18 -9.72
CA ARG B 51 -9.81 17.60 -9.51
C ARG B 51 -8.36 17.96 -9.79
N GLY B 52 -7.53 16.96 -10.06
CA GLY B 52 -6.12 17.19 -10.40
C GLY B 52 -5.20 17.26 -9.20
N ASP B 53 -5.71 16.92 -8.01
CA ASP B 53 -4.92 16.96 -6.78
C ASP B 53 -3.81 15.90 -6.84
N ASP B 54 -2.64 16.24 -6.30
CA ASP B 54 -1.53 15.29 -6.28
C ASP B 54 -1.65 14.31 -5.10
N ILE B 55 -0.87 13.24 -5.16
CA ILE B 55 -1.00 12.14 -4.20
C ILE B 55 -0.59 12.53 -2.77
N LEU B 56 0.37 13.44 -2.62
CA LEU B 56 0.76 13.87 -1.27
C LEU B 56 -0.34 14.68 -0.58
N THR B 57 -1.05 15.51 -1.35
CA THR B 57 -2.23 16.20 -0.85
C THR B 57 -3.31 15.20 -0.43
N ILE B 58 -3.56 14.21 -1.30
CA ILE B 58 -4.54 13.17 -1.01
C ILE B 58 -4.15 12.38 0.25
N LEU B 59 -2.88 11.99 0.36
CA LEU B 59 -2.42 11.25 1.54
C LEU B 59 -2.42 12.09 2.82
N THR B 60 -2.31 13.40 2.69
CA THR B 60 -2.47 14.30 3.83
C THR B 60 -3.92 14.26 4.31
N GLU B 61 -4.86 14.28 3.37
CA GLU B 61 -6.26 14.12 3.72
C GLU B 61 -6.54 12.77 4.40
N VAL B 62 -5.91 11.71 3.93
CA VAL B 62 -6.06 10.39 4.55
C VAL B 62 -5.55 10.43 6.00
N ASN B 63 -4.40 11.06 6.21
CA ASN B 63 -3.89 11.29 7.57
C ASN B 63 -4.97 11.99 8.43
N TYR B 64 -5.56 13.06 7.90
CA TYR B 64 -6.57 13.81 8.62
C TYR B 64 -7.78 12.95 8.96
N GLU B 65 -8.29 12.21 7.97
CA GLU B 65 -9.52 11.44 8.16
C GLU B 65 -9.35 10.27 9.13
N VAL B 66 -8.27 9.51 8.94
CA VAL B 66 -8.00 8.36 9.81
C VAL B 66 -7.67 8.80 11.25
N SER B 67 -7.05 9.97 11.39
CA SER B 67 -6.78 10.56 12.71
C SER B 67 -8.04 10.85 13.52
N ASN B 68 -9.19 11.02 12.86
CA ASN B 68 -10.44 11.32 13.55
C ASN B 68 -11.23 10.07 13.95
N LYS B 69 -10.80 8.91 13.48
CA LYS B 69 -11.42 7.65 13.82
C LYS B 69 -10.91 7.18 15.17
N ASP B 70 -11.70 6.40 15.88
CA ASP B 70 -11.21 5.81 17.12
C ASP B 70 -11.75 4.42 17.39
N ASP B 71 -10.96 3.71 18.20
CA ASP B 71 -11.29 2.39 18.68
C ASP B 71 -11.76 2.62 20.12
N LYS B 72 -13.08 2.61 20.30
CA LYS B 72 -13.71 2.90 21.60
C LYS B 72 -13.55 1.74 22.62
N LYS B 73 -13.05 0.59 22.17
CA LYS B 73 -12.82 -0.55 23.06
C LYS B 73 -11.50 -0.40 23.81
N ASN B 74 -10.47 0.00 23.09
CA ASN B 74 -9.12 0.14 23.64
C ASN B 74 -8.65 1.59 23.75
N MET B 75 -9.54 2.53 23.44
CA MET B 75 -9.19 3.95 23.38
C MET B 75 -7.97 4.17 22.47
N GLY B 76 -8.06 3.57 21.29
CA GLY B 76 -6.95 3.55 20.35
C GLY B 76 -7.18 4.49 19.19
N LYS B 77 -6.07 4.93 18.61
CA LYS B 77 -6.08 5.74 17.41
C LYS B 77 -5.21 5.05 16.37
N GLN B 78 -5.20 5.60 15.17
CA GLN B 78 -4.34 5.12 14.10
C GLN B 78 -3.77 6.32 13.36
N MET B 79 -2.45 6.32 13.15
CA MET B 79 -1.76 7.39 12.46
C MET B 79 -1.04 6.85 11.22
N PRO B 80 -1.66 7.00 10.04
CA PRO B 80 -0.92 6.62 8.83
C PRO B 80 0.30 7.50 8.58
N GLN B 81 1.18 7.06 7.67
CA GLN B 81 2.46 7.71 7.50
C GLN B 81 3.08 7.44 6.14
N PRO B 82 2.96 8.40 5.20
CA PRO B 82 3.69 8.29 3.95
C PRO B 82 5.17 8.62 4.06
N THR B 83 5.97 8.00 3.20
CA THR B 83 7.38 8.32 3.06
C THR B 83 7.68 8.32 1.57
N PHE B 84 8.50 9.25 1.11
CA PHE B 84 8.70 9.38 -0.33
C PHE B 84 10.09 9.83 -0.77
N THR B 85 10.51 9.33 -1.92
CA THR B 85 11.69 9.83 -2.64
C THR B 85 11.25 10.38 -4.00
N LEU B 86 9.98 10.74 -4.12
CA LEU B 86 9.46 11.38 -5.33
C LEU B 86 10.20 12.69 -5.59
N ARG B 87 10.49 12.94 -6.85
CA ARG B 87 11.20 14.13 -7.30
C ARG B 87 10.30 15.10 -8.08
N LYS B 88 9.06 14.68 -8.33
CA LYS B 88 8.09 15.48 -9.06
C LYS B 88 6.72 15.30 -8.41
N LYS B 89 5.76 16.14 -8.79
CA LYS B 89 4.38 15.95 -8.34
C LYS B 89 3.81 14.69 -8.99
N LEU B 90 3.08 13.90 -8.21
CA LEU B 90 2.43 12.68 -8.72
C LEU B 90 0.93 12.88 -8.73
N VAL B 91 0.36 12.91 -9.92
CA VAL B 91 -1.08 12.99 -10.14
C VAL B 91 -1.52 11.76 -10.92
N PHE B 92 -2.73 11.26 -10.62
CA PHE B 92 -3.35 10.19 -11.38
C PHE B 92 -4.56 10.77 -12.12
N PRO B 93 -4.36 11.28 -13.35
CA PRO B 93 -5.49 11.85 -14.09
C PRO B 93 -6.62 10.85 -14.33
N SER B 94 -7.86 11.29 -14.20
CA SER B 94 -9.00 10.39 -14.39
C SER B 94 -9.35 10.25 -15.88
N ASP B 95 -8.88 11.20 -16.70
CA ASP B 95 -9.13 11.17 -18.14
C ASP B 95 -7.99 10.50 -18.90
#